data_4NBN
#
_entry.id   4NBN
#
_cell.length_a   115.807
_cell.length_b   115.807
_cell.length_c   79.672
_cell.angle_alpha   90.000
_cell.angle_beta   90.000
_cell.angle_gamma   90.000
#
_symmetry.space_group_name_H-M   'P 43 21 2'
#
loop_
_entity.id
_entity.type
_entity.pdbx_description
1 polymer Caspase-6
2 non-polymer 'PHOSPHATE ION'
3 non-polymer "2,2'-[pyrimidine-4,6-diylbis(iminomethanediyl)]diphenol"
4 water water
#
_entity_poly.entity_id   1
_entity_poly.type   'polypeptide(L)'
_entity_poly.pdbx_seq_one_letter_code
;MGSAFYKREMFDPAEKYKMDHRRRGIALIFNHERFFWHLTLPERRGTCADRDNLTRRFSDLGFEVKCFNDLKAEELLLKI
HEVSTVSHADADCFVCVFLSHGEGNHIYAYDAKIEIQTLTGLFKGDKCHSLVGKPKIFIIQAARGNQHDVPVIPLDVVDN
QTEKLDTNITEVDAASVYTLPAGADFLMCYSVAEGYYSHRETVNGSWYIQDLCEMLGKYGSSLEFTELLTLVNRKVSQRR
VDFCKDPSAIGKKQVPCFASMLTKKLHFFPKSNGNSHHHHHH
;
_entity_poly.pdbx_strand_id   A,B
#
# COMPACT_ATOMS: atom_id res chain seq x y z
N PHE A 5 -10.83 24.45 -28.25
CA PHE A 5 -10.20 23.91 -27.04
C PHE A 5 -9.77 22.45 -27.19
N TYR A 6 -8.64 22.11 -26.57
CA TYR A 6 -8.23 20.72 -26.41
C TYR A 6 -7.31 20.59 -25.20
N LYS A 7 -7.09 19.36 -24.76
CA LYS A 7 -6.17 19.11 -23.64
C LYS A 7 -4.73 19.07 -24.13
N ARG A 8 -3.99 20.16 -23.91
CA ARG A 8 -2.56 20.13 -24.17
C ARG A 8 -1.91 19.15 -23.21
N GLU A 9 -0.69 18.75 -23.52
CA GLU A 9 0.02 17.79 -22.69
C GLU A 9 0.67 18.51 -21.52
N MET A 10 -0.17 19.02 -20.62
CA MET A 10 0.27 19.68 -19.42
C MET A 10 -0.05 18.74 -18.29
N PHE A 11 0.70 18.82 -17.19
CA PHE A 11 0.38 17.96 -16.06
C PHE A 11 -1.03 18.26 -15.54
N ASP A 12 -1.85 17.23 -15.45
CA ASP A 12 -3.25 17.38 -15.03
C ASP A 12 -3.51 16.69 -13.71
N PRO A 13 -3.75 17.47 -12.64
CA PRO A 13 -4.01 16.82 -11.34
C PRO A 13 -5.27 15.95 -11.31
N ALA A 14 -6.15 16.09 -12.29
CA ALA A 14 -7.40 15.34 -12.25
C ALA A 14 -7.40 14.12 -13.17
N GLU A 15 -6.22 13.73 -13.65
CA GLU A 15 -6.16 12.76 -14.73
C GLU A 15 -6.75 11.40 -14.32
N LYS A 16 -7.56 10.83 -15.21
CA LYS A 16 -8.18 9.52 -14.95
C LYS A 16 -7.68 8.49 -15.96
N TYR A 17 -7.56 7.23 -15.54
CA TYR A 17 -7.37 6.16 -16.51
C TYR A 17 -8.50 6.16 -17.54
N LYS A 18 -8.14 5.95 -18.79
CA LYS A 18 -9.13 5.84 -19.85
C LYS A 18 -9.86 4.52 -19.73
N MET A 19 -11.18 4.61 -19.54
CA MET A 19 -11.97 3.41 -19.28
C MET A 19 -13.06 3.24 -20.32
N ASP A 20 -12.73 3.60 -21.56
CA ASP A 20 -13.70 3.58 -22.65
C ASP A 20 -13.32 2.57 -23.73
N HIS A 21 -12.66 1.49 -23.31
CA HIS A 21 -12.38 0.37 -24.23
C HIS A 21 -13.64 -0.45 -24.49
N ARG A 22 -13.56 -1.35 -25.46
CA ARG A 22 -14.71 -2.17 -25.83
C ARG A 22 -15.20 -3.00 -24.64
N ARG A 23 -14.25 -3.53 -23.88
CA ARG A 23 -14.55 -4.38 -22.73
C ARG A 23 -13.95 -3.80 -21.46
N ARG A 24 -14.57 -4.11 -20.32
CA ARG A 24 -13.98 -3.74 -19.05
C ARG A 24 -12.69 -4.52 -18.80
N GLY A 25 -12.71 -5.82 -19.11
CA GLY A 25 -11.58 -6.67 -18.80
C GLY A 25 -11.94 -7.97 -18.07
N ILE A 26 -10.93 -8.77 -17.81
CA ILE A 26 -11.10 -10.05 -17.12
C ILE A 26 -10.90 -9.84 -15.62
N ALA A 27 -11.73 -10.53 -14.82
CA ALA A 27 -11.46 -10.68 -13.39
C ALA A 27 -11.32 -12.16 -13.07
N LEU A 28 -10.13 -12.57 -12.63
CA LEU A 28 -9.89 -13.98 -12.24
C LEU A 28 -10.11 -14.10 -10.76
N ILE A 29 -10.74 -15.19 -10.33
CA ILE A 29 -10.85 -15.46 -8.91
C ILE A 29 -10.33 -16.86 -8.63
N PHE A 30 -9.25 -16.96 -7.85
CA PHE A 30 -8.72 -18.26 -7.45
C PHE A 30 -9.20 -18.57 -6.04
N ASN A 31 -10.08 -19.55 -5.96
CA ASN A 31 -10.81 -19.88 -4.74
C ASN A 31 -10.31 -21.19 -4.16
N HIS A 32 -9.74 -21.12 -2.96
CA HIS A 32 -9.18 -22.30 -2.31
C HIS A 32 -9.87 -22.62 -0.99
N GLU A 33 -10.53 -23.78 -0.92
CA GLU A 33 -11.34 -24.15 0.23
C GLU A 33 -10.68 -25.21 1.10
N ARG A 34 -9.84 -26.05 0.50
CA ARG A 34 -9.17 -27.13 1.24
C ARG A 34 -7.83 -27.42 0.57
N PHE A 35 -6.95 -28.11 1.29
CA PHE A 35 -5.57 -28.26 0.87
C PHE A 35 -5.06 -29.69 1.02
N PHE A 36 -4.10 -30.05 0.16
CA PHE A 36 -3.44 -31.33 0.25
C PHE A 36 -3.00 -31.60 1.68
N TRP A 37 -3.17 -32.81 2.15
CA TRP A 37 -3.01 -33.11 3.56
C TRP A 37 -1.61 -32.81 4.07
N HIS A 38 -0.61 -32.93 3.21
CA HIS A 38 0.77 -32.72 3.64
C HIS A 38 1.05 -31.25 4.03
N LEU A 39 0.26 -30.31 3.53
CA LEU A 39 0.42 -28.88 3.84
C LEU A 39 0.00 -28.58 5.28
N THR A 40 -0.75 -29.52 5.84
CA THR A 40 -1.37 -29.42 7.17
C THR A 40 -2.01 -28.05 7.37
N LEU A 41 -2.96 -27.72 6.50
CA LEU A 41 -3.69 -26.46 6.53
C LEU A 41 -5.19 -26.73 6.75
N PRO A 42 -5.86 -25.90 7.55
CA PRO A 42 -7.30 -26.10 7.77
C PRO A 42 -8.13 -25.65 6.58
N GLU A 43 -9.32 -26.24 6.45
CA GLU A 43 -10.16 -25.80 5.36
C GLU A 43 -10.72 -24.38 5.64
N ARG A 44 -11.23 -23.75 4.59
CA ARG A 44 -11.66 -22.37 4.68
C ARG A 44 -13.16 -22.25 4.38
N ARG A 45 -13.98 -22.79 5.28
CA ARG A 45 -15.46 -22.66 5.17
C ARG A 45 -15.86 -21.17 5.08
N GLY A 46 -16.76 -20.84 4.16
CA GLY A 46 -17.07 -19.43 3.96
C GLY A 46 -16.48 -18.87 2.69
N THR A 47 -15.43 -19.49 2.17
CA THR A 47 -14.80 -18.90 0.99
C THR A 47 -15.69 -18.97 -0.26
N CYS A 48 -16.58 -19.95 -0.35
CA CYS A 48 -17.44 -20.00 -1.54
C CYS A 48 -18.43 -18.82 -1.52
N ALA A 49 -18.86 -18.37 -0.34
CA ALA A 49 -19.70 -17.16 -0.24
C ALA A 49 -18.95 -15.95 -0.77
N ASP A 50 -17.67 -15.85 -0.39
CA ASP A 50 -16.80 -14.80 -0.87
C ASP A 50 -16.71 -14.82 -2.39
N ARG A 51 -16.42 -16.01 -2.95
CA ARG A 51 -16.30 -16.18 -4.40
C ARG A 51 -17.57 -15.70 -5.11
N ASP A 52 -18.72 -16.17 -4.64
CA ASP A 52 -19.97 -15.81 -5.26
C ASP A 52 -20.28 -14.33 -5.16
N ASN A 53 -19.94 -13.75 -4.03
CA ASN A 53 -20.21 -12.34 -3.76
C ASN A 53 -19.39 -11.49 -4.72
N LEU A 54 -18.11 -11.81 -4.83
CA LEU A 54 -17.16 -11.12 -5.72
C LEU A 54 -17.62 -11.25 -7.18
N THR A 55 -18.04 -12.45 -7.56
CA THR A 55 -18.48 -12.70 -8.94
C THR A 55 -19.63 -11.77 -9.29
N ARG A 56 -20.64 -11.68 -8.43
CA ARG A 56 -21.78 -10.79 -8.68
C ARG A 56 -21.34 -9.32 -8.79
N ARG A 57 -20.49 -8.88 -7.86
CA ARG A 57 -20.17 -7.45 -7.85
C ARG A 57 -19.28 -7.05 -9.03
N PHE A 58 -18.32 -7.89 -9.38
CA PHE A 58 -17.43 -7.53 -10.49
C PHE A 58 -18.15 -7.71 -11.82
N SER A 59 -19.05 -8.68 -11.92
CA SER A 59 -19.84 -8.81 -13.13
C SER A 59 -20.72 -7.58 -13.34
N ASP A 60 -21.30 -7.05 -12.27
CA ASP A 60 -22.12 -5.83 -12.38
C ASP A 60 -21.30 -4.61 -12.84
N LEU A 61 -19.99 -4.61 -12.55
CA LEU A 61 -19.11 -3.52 -12.98
C LEU A 61 -18.61 -3.73 -14.43
N GLY A 62 -19.05 -4.81 -15.08
CA GLY A 62 -18.69 -5.04 -16.47
C GLY A 62 -17.61 -6.09 -16.72
N PHE A 63 -17.04 -6.66 -15.67
CA PHE A 63 -15.95 -7.63 -15.82
C PHE A 63 -16.43 -8.97 -16.33
N GLU A 64 -15.57 -9.62 -17.10
CA GLU A 64 -15.77 -11.01 -17.48
C GLU A 64 -15.13 -11.83 -16.35
N VAL A 65 -15.94 -12.49 -15.52
CA VAL A 65 -15.36 -13.14 -14.34
C VAL A 65 -15.13 -14.61 -14.63
N LYS A 66 -13.92 -15.08 -14.34
CA LYS A 66 -13.59 -16.53 -14.44
C LYS A 66 -13.12 -17.02 -13.08
N CYS A 67 -13.81 -18.04 -12.54
CA CYS A 67 -13.48 -18.59 -11.22
C CYS A 67 -12.80 -19.94 -11.39
N PHE A 68 -11.80 -20.21 -10.55
CA PHE A 68 -11.14 -21.50 -10.50
C PHE A 68 -11.07 -21.98 -9.06
N ASN A 69 -11.52 -23.21 -8.84
CA ASN A 69 -11.59 -23.76 -7.50
C ASN A 69 -10.51 -24.79 -7.24
N ASP A 70 -9.72 -24.54 -6.19
CA ASP A 70 -8.76 -25.53 -5.69
C ASP A 70 -7.72 -26.04 -6.70
N LEU A 71 -7.24 -25.15 -7.55
CA LEU A 71 -6.25 -25.58 -8.54
C LEU A 71 -4.95 -25.96 -7.86
N LYS A 72 -4.24 -26.94 -8.44
CA LYS A 72 -2.87 -27.20 -8.01
C LYS A 72 -1.97 -26.06 -8.48
N ALA A 73 -0.76 -25.97 -7.93
CA ALA A 73 0.11 -24.82 -8.26
C ALA A 73 0.48 -24.80 -9.77
N GLU A 74 0.81 -25.94 -10.34
CA GLU A 74 1.10 -26.01 -11.79
C GLU A 74 -0.04 -25.49 -12.64
N GLU A 75 -1.25 -25.96 -12.31
CA GLU A 75 -2.48 -25.59 -13.00
C GLU A 75 -2.77 -24.10 -12.88
N LEU A 76 -2.62 -23.58 -11.66
CA LEU A 76 -2.85 -22.17 -11.43
C LEU A 76 -1.86 -21.33 -12.25
N LEU A 77 -0.59 -21.69 -12.19
CA LEU A 77 0.41 -20.93 -12.96
C LEU A 77 0.11 -21.00 -14.46
N LEU A 78 -0.23 -22.18 -14.96
CA LEU A 78 -0.63 -22.31 -16.36
C LEU A 78 -1.76 -21.34 -16.75
N LYS A 79 -2.80 -21.33 -15.93
CA LYS A 79 -3.97 -20.49 -16.16
C LYS A 79 -3.64 -19.00 -16.17
N ILE A 80 -2.89 -18.57 -15.18
CA ILE A 80 -2.62 -17.15 -15.08
C ILE A 80 -1.63 -16.76 -16.21
N HIS A 81 -0.74 -17.68 -16.59
CA HIS A 81 0.16 -17.41 -17.70
C HIS A 81 -0.61 -17.33 -19.02
N GLU A 82 -1.58 -18.20 -19.20
CA GLU A 82 -2.50 -18.12 -20.35
C GLU A 82 -3.15 -16.74 -20.49
N VAL A 83 -3.69 -16.22 -19.38
CA VAL A 83 -4.32 -14.91 -19.39
C VAL A 83 -3.29 -13.78 -19.63
N SER A 84 -2.09 -13.91 -19.09
CA SER A 84 -1.08 -12.85 -19.26
C SER A 84 -0.57 -12.76 -20.70
N THR A 85 -0.75 -13.82 -21.49
CA THR A 85 -0.21 -13.83 -22.83
C THR A 85 -1.25 -13.59 -23.90
N VAL A 86 -2.51 -13.42 -23.55
CA VAL A 86 -3.45 -13.05 -24.62
C VAL A 86 -3.50 -11.52 -24.73
N SER A 87 -4.13 -10.99 -25.76
CA SER A 87 -4.20 -9.54 -25.91
C SER A 87 -5.33 -8.91 -25.10
N HIS A 88 -4.97 -7.92 -24.30
CA HIS A 88 -5.93 -7.14 -23.52
C HIS A 88 -6.13 -5.78 -24.18
N ALA A 89 -5.86 -5.69 -25.48
CA ALA A 89 -5.90 -4.42 -26.23
C ALA A 89 -7.29 -3.78 -26.11
N ASP A 90 -8.33 -4.61 -26.10
CA ASP A 90 -9.68 -4.05 -26.05
C ASP A 90 -10.27 -3.96 -24.64
N ALA A 91 -9.42 -4.08 -23.61
CA ALA A 91 -9.85 -4.07 -22.21
C ALA A 91 -9.43 -2.82 -21.45
N ASP A 92 -10.26 -2.37 -20.51
CA ASP A 92 -9.87 -1.28 -19.62
C ASP A 92 -8.80 -1.65 -18.58
N CYS A 93 -8.88 -2.86 -18.05
CA CYS A 93 -8.06 -3.18 -16.88
C CYS A 93 -8.08 -4.67 -16.62
N PHE A 94 -7.41 -5.10 -15.55
CA PHE A 94 -7.33 -6.51 -15.22
C PHE A 94 -7.46 -6.65 -13.70
N VAL A 95 -8.27 -7.62 -13.24
CA VAL A 95 -8.42 -7.92 -11.81
C VAL A 95 -8.05 -9.37 -11.54
N CYS A 96 -7.30 -9.62 -10.46
CA CYS A 96 -6.98 -11.00 -10.06
C CYS A 96 -7.18 -11.11 -8.54
N VAL A 97 -8.01 -12.05 -8.13
CA VAL A 97 -8.34 -12.24 -6.71
C VAL A 97 -7.82 -13.59 -6.20
N PHE A 98 -7.13 -13.60 -5.06
CA PHE A 98 -6.73 -14.86 -4.39
C PHE A 98 -7.45 -15.00 -3.06
N LEU A 99 -8.14 -16.11 -2.89
CA LEU A 99 -8.84 -16.46 -1.66
C LEU A 99 -8.19 -17.75 -1.15
N SER A 100 -7.30 -17.65 -0.18
CA SER A 100 -6.58 -18.83 0.27
C SER A 100 -5.92 -18.56 1.60
N HIS A 101 -4.98 -19.43 2.02
CA HIS A 101 -4.05 -19.10 3.10
C HIS A 101 -2.75 -18.61 2.48
N GLY A 102 -1.89 -18.00 3.28
CA GLY A 102 -0.59 -17.59 2.76
C GLY A 102 0.42 -17.44 3.88
N GLU A 103 1.66 -17.13 3.50
CA GLU A 103 2.75 -16.96 4.46
C GLU A 103 3.84 -16.16 3.76
N GLY A 104 4.25 -15.01 4.32
CA GLY A 104 5.36 -14.27 3.75
C GLY A 104 5.00 -13.77 2.35
N ASN A 105 5.84 -14.06 1.37
CA ASN A 105 5.49 -13.61 0.04
C ASN A 105 4.73 -14.69 -0.75
N HIS A 106 4.19 -15.69 -0.05
CA HIS A 106 3.50 -16.82 -0.71
C HIS A 106 1.99 -16.89 -0.50
N ILE A 107 1.27 -17.32 -1.55
CA ILE A 107 -0.12 -17.78 -1.41
C ILE A 107 -0.13 -19.31 -1.64
N TYR A 108 -0.98 -20.03 -0.93
CA TYR A 108 -1.09 -21.47 -1.14
C TYR A 108 -2.07 -21.80 -2.25
N ALA A 109 -1.63 -22.61 -3.21
CA ALA A 109 -2.56 -23.32 -4.07
C ALA A 109 -2.94 -24.62 -3.33
N TYR A 110 -3.58 -25.58 -4.03
CA TYR A 110 -4.01 -26.80 -3.36
C TYR A 110 -2.84 -27.59 -2.78
N ASP A 111 -1.72 -27.64 -3.51
CA ASP A 111 -0.65 -28.57 -3.19
C ASP A 111 0.70 -27.95 -2.84
N ALA A 112 0.83 -26.64 -3.02
CA ALA A 112 2.13 -25.97 -2.82
C ALA A 112 1.96 -24.49 -2.76
N LYS A 113 2.98 -23.82 -2.20
CA LYS A 113 3.05 -22.34 -2.19
C LYS A 113 3.47 -21.79 -3.54
N ILE A 114 3.02 -20.58 -3.86
CA ILE A 114 3.47 -19.85 -5.04
C ILE A 114 3.89 -18.47 -4.57
N GLU A 115 5.01 -17.96 -5.10
CA GLU A 115 5.40 -16.60 -4.74
C GLU A 115 4.58 -15.55 -5.44
N ILE A 116 4.07 -14.58 -4.69
CA ILE A 116 3.24 -13.53 -5.28
C ILE A 116 3.99 -12.77 -6.39
N GLN A 117 5.28 -12.52 -6.22
CA GLN A 117 6.00 -11.79 -7.27
C GLN A 117 6.05 -12.56 -8.59
N THR A 118 5.96 -13.88 -8.55
CA THR A 118 5.98 -14.63 -9.81
C THR A 118 4.66 -14.41 -10.57
N LEU A 119 3.57 -14.24 -9.85
CA LEU A 119 2.25 -14.00 -10.44
C LEU A 119 2.16 -12.57 -10.95
N THR A 120 2.55 -11.60 -10.13
CA THR A 120 2.45 -10.19 -10.63
C THR A 120 3.45 -9.95 -11.76
N GLY A 121 4.57 -10.66 -11.72
CA GLY A 121 5.62 -10.50 -12.68
C GLY A 121 5.15 -10.77 -14.10
N LEU A 122 4.13 -11.62 -14.24
CA LEU A 122 3.63 -11.99 -15.58
C LEU A 122 2.94 -10.82 -16.28
N PHE A 123 2.60 -9.78 -15.53
CA PHE A 123 1.77 -8.69 -16.07
C PHE A 123 2.57 -7.40 -16.14
N LYS A 124 3.89 -7.50 -15.93
CA LYS A 124 4.74 -6.30 -15.94
C LYS A 124 5.20 -5.95 -17.34
N GLY A 125 5.07 -4.67 -17.69
CA GLY A 125 5.70 -4.13 -18.87
C GLY A 125 5.45 -5.02 -20.06
N ASP A 126 6.48 -5.29 -20.84
CA ASP A 126 6.21 -5.97 -22.08
C ASP A 126 6.12 -7.49 -21.95
N LYS A 127 6.06 -8.00 -20.71
CA LYS A 127 5.55 -9.36 -20.54
C LYS A 127 4.06 -9.33 -20.89
N CYS A 128 3.43 -8.18 -20.72
CA CYS A 128 2.02 -8.06 -21.10
C CYS A 128 1.79 -6.64 -21.62
N HIS A 129 2.27 -6.43 -22.83
CA HIS A 129 2.28 -5.10 -23.42
C HIS A 129 0.90 -4.45 -23.44
N SER A 130 -0.15 -5.23 -23.67
CA SER A 130 -1.48 -4.66 -23.86
C SER A 130 -2.13 -4.25 -22.56
N LEU A 131 -1.48 -4.51 -21.42
CA LEU A 131 -1.93 -3.94 -20.14
C LEU A 131 -1.02 -2.82 -19.64
N VAL A 132 0.01 -2.46 -20.41
CA VAL A 132 0.89 -1.37 -19.97
C VAL A 132 0.09 -0.07 -19.88
N GLY A 133 0.22 0.60 -18.73
CA GLY A 133 -0.51 1.85 -18.48
C GLY A 133 -1.95 1.63 -18.07
N LYS A 134 -2.37 0.38 -17.91
CA LYS A 134 -3.73 0.08 -17.44
C LYS A 134 -3.70 -0.48 -16.02
N PRO A 135 -4.76 -0.21 -15.23
CA PRO A 135 -4.75 -0.74 -13.85
C PRO A 135 -4.71 -2.27 -13.81
N LYS A 136 -3.85 -2.78 -12.92
CA LYS A 136 -3.71 -4.22 -12.70
C LYS A 136 -3.94 -4.40 -11.20
N ILE A 137 -5.11 -4.93 -10.86
CA ILE A 137 -5.56 -4.90 -9.48
C ILE A 137 -5.54 -6.31 -8.90
N PHE A 138 -4.75 -6.51 -7.84
CA PHE A 138 -4.70 -7.83 -7.20
C PHE A 138 -5.35 -7.70 -5.83
N ILE A 139 -6.28 -8.59 -5.51
CA ILE A 139 -6.99 -8.56 -4.23
C ILE A 139 -6.68 -9.87 -3.50
N ILE A 140 -6.10 -9.73 -2.32
CA ILE A 140 -5.59 -10.94 -1.64
C ILE A 140 -6.22 -11.10 -0.26
N GLN A 141 -7.01 -12.16 -0.13
CA GLN A 141 -7.55 -12.55 1.15
C GLN A 141 -6.81 -13.81 1.56
N ALA A 142 -5.73 -13.63 2.32
CA ALA A 142 -4.85 -14.75 2.66
C ALA A 142 -4.10 -14.42 3.94
N ALA A 143 -4.12 -15.37 4.87
CA ALA A 143 -3.48 -15.16 6.14
C ALA A 143 -3.03 -16.52 6.67
N ARG A 144 -2.68 -16.59 7.96
CA ARG A 144 -2.06 -17.81 8.47
C ARG A 144 -3.11 -18.83 8.87
N GLY A 145 -3.10 -19.95 8.16
CA GLY A 145 -3.97 -21.06 8.53
C GLY A 145 -3.63 -21.58 9.93
N ASN A 146 -4.65 -21.75 10.76
CA ASN A 146 -4.42 -22.30 12.10
C ASN A 146 -4.22 -23.82 12.02
N GLN A 147 -3.03 -24.29 12.39
CA GLN A 147 -2.69 -25.71 12.15
C GLN A 147 -2.93 -26.73 13.27
N HIS A 148 -3.89 -26.52 14.16
CA HIS A 148 -4.23 -27.63 15.07
C HIS A 148 -5.09 -28.72 14.40
N ASP A 149 -4.59 -29.21 13.27
CA ASP A 149 -4.90 -30.48 12.66
C ASP A 149 -3.68 -31.28 12.29
N VAL A 150 -3.89 -32.57 12.07
CA VAL A 150 -2.78 -33.49 12.02
C VAL A 150 -2.03 -33.62 10.72
N PRO A 151 -0.73 -33.96 10.77
CA PRO A 151 -0.18 -34.42 9.49
C PRO A 151 -0.60 -35.83 9.10
N VAL A 152 -1.90 -36.01 8.86
CA VAL A 152 -2.44 -37.26 8.35
C VAL A 152 -3.51 -36.96 7.30
N ILE A 153 -3.94 -38.01 6.62
CA ILE A 153 -4.82 -37.92 5.48
C ILE A 153 -6.28 -38.14 5.90
N PRO A 154 -7.06 -37.06 5.95
CA PRO A 154 -8.44 -37.11 6.44
C PRO A 154 -9.40 -37.78 5.45
N ASP A 166 -24.92 -26.50 10.04
CA ASP A 166 -24.01 -25.51 9.51
C ASP A 166 -24.11 -24.18 10.26
N THR A 167 -23.36 -24.06 11.34
CA THR A 167 -23.41 -22.88 12.18
C THR A 167 -22.40 -21.83 11.70
N ASN A 168 -22.73 -20.56 11.91
CA ASN A 168 -21.85 -19.48 11.48
C ASN A 168 -20.85 -19.12 12.59
N ILE A 169 -19.61 -19.56 12.42
CA ILE A 169 -18.55 -19.40 13.42
C ILE A 169 -17.57 -18.38 12.86
N THR A 170 -16.95 -17.55 13.69
CA THR A 170 -15.93 -16.66 13.09
C THR A 170 -14.52 -17.19 13.36
N GLU A 171 -13.79 -17.51 12.29
CA GLU A 171 -12.41 -17.99 12.41
C GLU A 171 -11.48 -16.79 12.34
N VAL A 172 -10.44 -16.79 13.17
CA VAL A 172 -9.54 -15.64 13.25
C VAL A 172 -8.10 -16.07 12.99
N ASP A 173 -7.48 -15.49 11.97
CA ASP A 173 -6.15 -15.90 11.49
C ASP A 173 -5.19 -14.75 11.55
N ALA A 174 -4.01 -14.96 12.13
CA ALA A 174 -2.99 -13.90 12.16
C ALA A 174 -2.56 -13.46 10.75
N ALA A 175 -2.37 -12.15 10.57
CA ALA A 175 -1.76 -11.65 9.33
C ALA A 175 -0.43 -12.34 9.10
N SER A 176 -0.20 -12.77 7.86
CA SER A 176 1.06 -13.45 7.55
C SER A 176 1.63 -13.09 6.17
N VAL A 177 0.77 -12.56 5.29
CA VAL A 177 1.19 -12.27 3.92
C VAL A 177 1.73 -10.84 3.81
N TYR A 178 2.96 -10.71 3.35
CA TYR A 178 3.58 -9.39 3.17
C TYR A 178 2.74 -8.46 2.29
N THR A 179 2.66 -7.17 2.67
CA THR A 179 1.90 -6.23 1.84
C THR A 179 2.79 -5.74 0.71
N LEU A 180 3.00 -6.63 -0.25
CA LEU A 180 3.96 -6.41 -1.32
C LEU A 180 3.47 -5.35 -2.31
N PRO A 181 4.43 -4.58 -2.82
CA PRO A 181 4.12 -3.66 -3.92
C PRO A 181 4.27 -4.43 -5.23
N ALA A 182 4.29 -3.72 -6.36
CA ALA A 182 4.52 -4.31 -7.69
C ALA A 182 4.94 -3.18 -8.65
N GLY A 183 4.55 -3.25 -9.89
CA GLY A 183 5.08 -2.27 -10.83
C GLY A 183 4.14 -1.10 -10.98
N ALA A 184 4.48 -0.17 -11.87
CA ALA A 184 3.58 0.95 -12.14
C ALA A 184 2.20 0.45 -12.53
N ASP A 185 1.18 1.17 -12.08
CA ASP A 185 -0.22 0.88 -12.41
C ASP A 185 -0.74 -0.43 -11.84
N PHE A 186 -0.01 -1.00 -10.89
CA PHE A 186 -0.56 -2.09 -10.07
C PHE A 186 -1.21 -1.50 -8.80
N LEU A 187 -2.25 -2.16 -8.33
CA LEU A 187 -2.86 -1.85 -7.04
C LEU A 187 -3.01 -3.18 -6.29
N MET A 188 -2.28 -3.32 -5.18
CA MET A 188 -2.27 -4.54 -4.40
C MET A 188 -3.12 -4.34 -3.16
N CYS A 189 -4.20 -5.11 -3.06
CA CYS A 189 -5.20 -4.90 -1.99
C CYS A 189 -5.14 -6.05 -0.99
N TYR A 190 -4.88 -5.77 0.29
CA TYR A 190 -4.68 -6.83 1.30
C TYR A 190 -5.75 -6.84 2.38
N SER A 191 -6.24 -8.04 2.71
CA SER A 191 -7.29 -8.16 3.74
C SER A 191 -6.85 -7.72 5.13
N VAL A 192 -5.54 -7.71 5.37
CA VAL A 192 -5.06 -7.43 6.71
C VAL A 192 -3.58 -7.03 6.73
N ALA A 193 -3.23 -6.11 7.62
CA ALA A 193 -1.84 -5.68 7.78
C ALA A 193 -1.11 -6.46 8.86
N GLU A 194 0.23 -6.41 8.82
CA GLU A 194 1.06 -6.98 9.88
C GLU A 194 0.59 -6.61 11.30
N GLY A 195 0.51 -7.60 12.19
CA GLY A 195 0.19 -7.34 13.58
C GLY A 195 -1.29 -7.39 13.88
N TYR A 196 -2.11 -7.57 12.84
CA TYR A 196 -3.57 -7.67 12.98
C TYR A 196 -4.06 -9.06 12.54
N TYR A 197 -5.39 -9.23 12.45
CA TYR A 197 -6.00 -10.54 12.30
C TYR A 197 -7.11 -10.51 11.27
N SER A 198 -7.11 -11.51 10.39
CA SER A 198 -8.16 -11.65 9.38
C SER A 198 -9.30 -12.51 9.91
N HIS A 199 -10.55 -12.15 9.57
CA HIS A 199 -11.70 -12.83 10.13
C HIS A 199 -12.51 -13.40 8.99
N ARG A 200 -12.98 -14.63 9.18
CA ARG A 200 -13.91 -15.22 8.20
C ARG A 200 -15.03 -15.97 8.90
N GLU A 201 -16.27 -15.62 8.51
CA GLU A 201 -17.46 -16.30 9.01
C GLU A 201 -17.74 -17.51 8.13
N THR A 202 -17.96 -18.66 8.76
CA THR A 202 -18.04 -19.90 8.02
C THR A 202 -19.28 -19.99 7.12
N VAL A 203 -20.31 -19.19 7.40
CA VAL A 203 -21.40 -19.08 6.45
C VAL A 203 -21.38 -17.77 5.64
N ASN A 204 -21.21 -16.63 6.33
CA ASN A 204 -21.29 -15.33 5.67
C ASN A 204 -20.06 -14.91 4.88
N GLY A 205 -18.91 -15.52 5.14
CA GLY A 205 -17.69 -15.20 4.41
C GLY A 205 -16.73 -14.30 5.19
N SER A 206 -15.71 -13.82 4.51
CA SER A 206 -14.62 -13.04 5.13
C SER A 206 -15.09 -11.62 5.43
N TRP A 207 -14.66 -11.06 6.56
CA TRP A 207 -15.02 -9.67 6.85
C TRP A 207 -14.62 -8.73 5.71
N TYR A 208 -13.40 -8.89 5.22
CA TYR A 208 -12.86 -8.01 4.20
C TYR A 208 -13.64 -8.13 2.91
N ILE A 209 -13.91 -9.37 2.49
CA ILE A 209 -14.59 -9.54 1.22
C ILE A 209 -16.04 -9.10 1.33
N GLN A 210 -16.69 -9.38 2.45
CA GLN A 210 -18.07 -8.94 2.65
C GLN A 210 -18.14 -7.43 2.52
N ASP A 211 -17.22 -6.75 3.18
CA ASP A 211 -17.31 -5.28 3.19
C ASP A 211 -16.89 -4.70 1.83
N LEU A 212 -15.89 -5.30 1.20
CA LEU A 212 -15.51 -4.90 -0.16
C LEU A 212 -16.71 -5.01 -1.11
N CYS A 213 -17.38 -6.17 -1.05
CA CYS A 213 -18.52 -6.38 -1.93
C CYS A 213 -19.69 -5.44 -1.63
N GLU A 214 -19.93 -5.14 -0.36
CA GLU A 214 -21.03 -4.21 -0.04
C GLU A 214 -20.71 -2.83 -0.61
N MET A 215 -19.48 -2.37 -0.45
CA MET A 215 -19.09 -1.07 -0.99
C MET A 215 -19.08 -1.07 -2.51
N LEU A 216 -18.63 -2.16 -3.13
CA LEU A 216 -18.74 -2.24 -4.60
C LEU A 216 -20.19 -2.07 -5.09
N GLY A 217 -21.11 -2.76 -4.44
CA GLY A 217 -22.51 -2.66 -4.83
C GLY A 217 -23.08 -1.27 -4.67
N LYS A 218 -22.79 -0.62 -3.56
CA LYS A 218 -23.37 0.66 -3.24
C LYS A 218 -22.68 1.81 -3.96
N TYR A 219 -21.36 1.71 -4.12
CA TYR A 219 -20.56 2.87 -4.56
C TYR A 219 -19.61 2.58 -5.71
N GLY A 220 -19.45 1.32 -6.06
CA GLY A 220 -18.46 0.91 -7.05
C GLY A 220 -18.56 1.64 -8.37
N SER A 221 -19.76 2.00 -8.80
CA SER A 221 -19.85 2.53 -10.15
CA SER A 221 -20.00 2.56 -10.12
C SER A 221 -19.85 4.07 -10.14
N SER A 222 -19.45 4.66 -9.02
CA SER A 222 -19.22 6.10 -9.00
CA SER A 222 -19.24 6.12 -8.96
C SER A 222 -17.91 6.47 -8.30
N LEU A 223 -17.64 5.85 -7.14
CA LEU A 223 -16.50 6.25 -6.32
C LEU A 223 -15.15 5.95 -6.95
N GLU A 224 -14.16 6.84 -6.76
CA GLU A 224 -12.78 6.50 -7.19
C GLU A 224 -12.35 5.26 -6.39
N PHE A 225 -11.71 4.28 -7.04
CA PHE A 225 -11.59 2.94 -6.44
C PHE A 225 -10.73 2.95 -5.17
N THR A 226 -9.69 3.78 -5.09
CA THR A 226 -8.94 3.79 -3.83
C THR A 226 -9.74 4.50 -2.72
N GLU A 227 -10.60 5.45 -3.09
CA GLU A 227 -11.54 6.03 -2.10
C GLU A 227 -12.50 4.94 -1.59
N LEU A 228 -12.93 4.05 -2.48
CA LEU A 228 -13.75 2.90 -2.09
C LEU A 228 -13.00 1.94 -1.14
N LEU A 229 -11.75 1.62 -1.47
CA LEU A 229 -10.92 0.79 -0.59
C LEU A 229 -10.72 1.43 0.77
N THR A 230 -10.69 2.77 0.82
CA THR A 230 -10.57 3.45 2.12
C THR A 230 -11.84 3.24 2.96
N LEU A 231 -13.01 3.29 2.32
CA LEU A 231 -14.25 2.94 3.02
C LEU A 231 -14.17 1.52 3.60
N VAL A 232 -13.63 0.59 2.82
CA VAL A 232 -13.48 -0.79 3.28
C VAL A 232 -12.57 -0.83 4.51
N ASN A 233 -11.46 -0.08 4.45
CA ASN A 233 -10.62 0.04 5.64
C ASN A 233 -11.43 0.47 6.86
N ARG A 234 -12.25 1.49 6.71
CA ARG A 234 -13.03 1.97 7.85
C ARG A 234 -14.03 0.91 8.33
N LYS A 235 -14.77 0.34 7.40
CA LYS A 235 -15.80 -0.64 7.77
C LYS A 235 -15.19 -1.82 8.52
N VAL A 236 -14.14 -2.38 7.95
CA VAL A 236 -13.51 -3.57 8.55
C VAL A 236 -12.84 -3.25 9.89
N SER A 237 -12.06 -2.18 9.94
CA SER A 237 -11.34 -1.91 11.19
C SER A 237 -12.28 -1.52 12.33
N GLN A 238 -13.53 -1.19 12.00
CA GLN A 238 -14.54 -0.92 13.03
C GLN A 238 -15.35 -2.14 13.52
N ARG A 239 -15.28 -3.26 12.81
CA ARG A 239 -15.99 -4.47 13.23
C ARG A 239 -15.45 -5.08 14.53
N ARG A 240 -16.34 -5.72 15.27
CA ARG A 240 -16.01 -6.46 16.50
C ARG A 240 -16.73 -7.81 16.52
N VAL A 241 -16.10 -8.83 17.11
CA VAL A 241 -16.74 -10.12 17.31
C VAL A 241 -17.58 -10.03 18.60
N ASP A 242 -18.74 -10.69 18.63
CA ASP A 242 -19.53 -10.73 19.86
C ASP A 242 -18.75 -11.45 20.95
N PHE A 243 -18.53 -10.76 22.06
CA PHE A 243 -17.71 -11.26 23.15
C PHE A 243 -18.23 -12.59 23.72
N CYS A 244 -19.55 -12.74 23.76
CA CYS A 244 -20.16 -14.00 24.16
C CYS A 244 -19.73 -15.18 23.30
N LYS A 245 -19.69 -14.99 21.98
CA LYS A 245 -19.40 -16.08 21.04
C LYS A 245 -17.97 -16.57 21.13
N ASP A 246 -17.01 -15.65 21.10
CA ASP A 246 -15.60 -16.03 21.22
C ASP A 246 -14.80 -14.98 21.97
N PRO A 247 -14.65 -15.18 23.29
CA PRO A 247 -13.85 -14.32 24.16
C PRO A 247 -12.40 -14.19 23.70
N SER A 248 -11.80 -15.30 23.31
CA SER A 248 -10.40 -15.30 22.88
C SER A 248 -10.17 -14.39 21.65
N ALA A 249 -11.24 -14.08 20.91
CA ALA A 249 -11.14 -13.22 19.73
C ALA A 249 -11.16 -11.73 20.10
N ILE A 250 -11.37 -11.45 21.38
CA ILE A 250 -11.27 -10.08 21.87
C ILE A 250 -9.90 -9.52 21.60
N GLY A 251 -9.85 -8.29 21.10
CA GLY A 251 -8.57 -7.63 20.90
C GLY A 251 -7.82 -8.20 19.72
N LYS A 252 -8.54 -8.87 18.83
CA LYS A 252 -7.93 -9.29 17.58
C LYS A 252 -8.54 -8.47 16.44
N LYS A 253 -8.19 -7.20 16.40
CA LYS A 253 -8.70 -6.27 15.38
C LYS A 253 -8.18 -6.59 13.96
N GLN A 254 -8.95 -6.20 12.94
CA GLN A 254 -8.54 -6.35 11.56
C GLN A 254 -8.35 -5.00 10.89
N VAL A 255 -7.13 -4.76 10.39
CA VAL A 255 -6.82 -3.51 9.67
C VAL A 255 -6.38 -3.86 8.27
N PRO A 256 -7.24 -3.64 7.27
CA PRO A 256 -6.79 -3.95 5.91
C PRO A 256 -5.85 -2.87 5.39
N CYS A 257 -5.30 -3.09 4.22
CA CYS A 257 -4.55 -2.00 3.59
C CYS A 257 -4.42 -2.21 2.11
N PHE A 258 -4.04 -1.15 1.39
CA PHE A 258 -3.75 -1.34 -0.01
C PHE A 258 -2.47 -0.61 -0.31
N ALA A 259 -1.67 -1.21 -1.19
CA ALA A 259 -0.43 -0.62 -1.63
C ALA A 259 -0.63 -0.17 -3.08
N SER A 260 -0.64 1.13 -3.29
CA SER A 260 -0.93 1.68 -4.62
C SER A 260 0.33 2.11 -5.35
N MET A 261 0.47 1.56 -6.56
CA MET A 261 1.41 2.06 -7.54
C MET A 261 0.65 2.68 -8.72
N LEU A 262 -0.63 3.00 -8.50
CA LEU A 262 -1.43 3.64 -9.56
C LEU A 262 -0.90 5.04 -9.84
N THR A 263 -1.17 5.55 -11.05
CA THR A 263 -0.61 6.83 -11.48
C THR A 263 -1.74 7.79 -11.89
N LYS A 264 -2.99 7.30 -11.86
CA LYS A 264 -4.15 8.13 -12.25
C LYS A 264 -5.35 7.71 -11.41
N LYS A 265 -6.42 8.50 -11.48
CA LYS A 265 -7.66 8.16 -10.77
C LYS A 265 -8.35 7.02 -11.50
N LEU A 266 -8.90 6.07 -10.73
CA LEU A 266 -9.60 4.93 -11.28
C LEU A 266 -11.11 4.94 -10.95
N HIS A 267 -11.94 5.02 -11.97
CA HIS A 267 -13.40 4.89 -11.80
C HIS A 267 -13.94 3.74 -12.65
N PHE A 268 -15.08 3.22 -12.22
CA PHE A 268 -15.79 2.16 -12.93
C PHE A 268 -17.19 2.65 -13.26
N PHE A 269 -17.28 3.80 -13.95
CA PHE A 269 -18.56 4.29 -14.40
C PHE A 269 -19.17 3.27 -15.36
N PRO A 270 -20.50 3.19 -15.40
CA PRO A 270 -21.13 2.27 -16.35
C PRO A 270 -20.64 2.54 -17.75
N LYS A 271 -20.32 1.49 -18.48
CA LYS A 271 -19.84 1.67 -19.85
C LYS A 271 -21.00 1.99 -20.79
N SER A 272 -20.77 2.88 -21.74
CA SER A 272 -21.85 3.32 -22.64
C SER A 272 -22.35 2.19 -23.53
N MET B 10 -25.49 7.78 10.14
CA MET B 10 -25.40 6.64 9.24
C MET B 10 -24.04 6.67 8.55
N PHE B 11 -23.77 5.67 7.71
CA PHE B 11 -22.47 5.58 7.02
C PHE B 11 -22.32 6.70 5.97
N ASP B 12 -21.20 7.41 6.01
CA ASP B 12 -20.93 8.50 5.07
C ASP B 12 -19.79 8.15 4.10
N PRO B 13 -20.13 7.83 2.83
CA PRO B 13 -19.11 7.39 1.85
C PRO B 13 -18.06 8.45 1.49
N ALA B 14 -18.22 9.68 1.98
CA ALA B 14 -17.25 10.73 1.67
C ALA B 14 -16.67 11.36 2.94
N GLU B 15 -16.73 10.64 4.05
CA GLU B 15 -16.29 11.16 5.34
C GLU B 15 -14.82 11.55 5.32
N LYS B 16 -14.54 12.67 5.98
CA LYS B 16 -13.17 13.20 6.02
C LYS B 16 -12.68 13.27 7.45
N TYR B 17 -11.37 13.09 7.63
CA TYR B 17 -10.75 13.37 8.91
C TYR B 17 -11.04 14.81 9.35
N LYS B 18 -11.39 14.97 10.62
CA LYS B 18 -11.59 16.31 11.18
C LYS B 18 -10.25 17.03 11.27
N MET B 19 -10.08 18.09 10.48
CA MET B 19 -8.81 18.81 10.45
C MET B 19 -9.02 20.25 10.88
N ASP B 20 -9.80 20.43 11.94
CA ASP B 20 -10.12 21.75 12.45
C ASP B 20 -9.59 22.01 13.85
N HIS B 21 -8.52 21.33 14.24
CA HIS B 21 -7.92 21.54 15.57
C HIS B 21 -7.14 22.86 15.60
N ARG B 22 -6.76 23.30 16.81
CA ARG B 22 -5.97 24.51 16.94
C ARG B 22 -4.68 24.46 16.10
N ARG B 23 -4.06 23.29 16.05
CA ARG B 23 -2.80 23.12 15.32
C ARG B 23 -2.87 22.02 14.26
N ARG B 24 -2.15 22.19 13.15
CA ARG B 24 -2.01 21.09 12.19
C ARG B 24 -1.34 19.88 12.84
N GLY B 25 -0.25 20.15 13.55
CA GLY B 25 0.51 19.04 14.15
C GLY B 25 2.00 19.12 13.85
N ILE B 26 2.72 18.16 14.39
CA ILE B 26 4.17 18.11 14.23
C ILE B 26 4.57 17.34 12.97
N ALA B 27 5.55 17.88 12.25
CA ALA B 27 6.22 17.11 11.21
C ALA B 27 7.69 16.96 11.58
N LEU B 28 8.10 15.71 11.80
CA LEU B 28 9.49 15.41 12.17
C LEU B 28 10.24 15.04 10.91
N ILE B 29 11.46 15.53 10.76
CA ILE B 29 12.29 15.09 9.66
C ILE B 29 13.63 14.63 10.19
N PHE B 30 13.94 13.36 9.95
CA PHE B 30 15.25 12.83 10.31
C PHE B 30 16.11 12.71 9.06
N ASN B 31 17.16 13.51 9.02
CA ASN B 31 17.97 13.71 7.82
C ASN B 31 19.36 13.13 8.05
N HIS B 32 19.73 12.13 7.25
CA HIS B 32 21.03 11.44 7.40
C HIS B 32 21.89 11.59 6.15
N GLU B 33 23.00 12.32 6.28
CA GLU B 33 23.89 12.61 5.14
C GLU B 33 25.14 11.75 5.12
N ARG B 34 25.62 11.38 6.31
CA ARG B 34 26.87 10.65 6.48
C ARG B 34 26.72 9.59 7.56
N PHE B 35 27.55 8.55 7.53
CA PHE B 35 27.37 7.46 8.47
C PHE B 35 28.68 7.11 9.15
N PHE B 36 28.60 6.52 10.34
CA PHE B 36 29.81 6.11 11.07
C PHE B 36 30.63 5.15 10.20
N TRP B 37 31.94 5.31 10.19
CA TRP B 37 32.77 4.62 9.19
C TRP B 37 32.59 3.10 9.23
N HIS B 38 32.38 2.55 10.43
CA HIS B 38 32.25 1.10 10.59
C HIS B 38 31.02 0.52 9.86
N LEU B 39 30.06 1.36 9.46
CA LEU B 39 28.88 0.89 8.74
C LEU B 39 29.13 0.75 7.23
N THR B 40 30.26 1.31 6.79
CA THR B 40 30.66 1.43 5.38
C THR B 40 29.49 1.71 4.43
N LEU B 41 28.79 2.81 4.70
CA LEU B 41 27.67 3.30 3.87
C LEU B 41 28.10 4.58 3.16
N PRO B 42 27.73 4.78 1.90
CA PRO B 42 28.11 6.01 1.19
C PRO B 42 27.34 7.23 1.65
N GLU B 43 28.00 8.40 1.62
CA GLU B 43 27.33 9.68 1.87
C GLU B 43 26.14 9.93 0.98
N ARG B 44 25.22 10.77 1.44
CA ARG B 44 23.99 11.03 0.70
C ARG B 44 23.89 12.51 0.26
N ARG B 45 24.82 12.94 -0.59
CA ARG B 45 24.78 14.31 -1.10
C ARG B 45 23.47 14.59 -1.82
N GLY B 46 22.89 15.76 -1.56
CA GLY B 46 21.58 16.10 -2.09
C GLY B 46 20.48 16.00 -1.03
N THR B 47 20.76 15.31 0.07
CA THR B 47 19.72 15.15 1.09
C THR B 47 19.40 16.47 1.85
N CYS B 48 20.36 17.39 1.92
CA CYS B 48 20.09 18.69 2.54
C CYS B 48 19.09 19.50 1.70
N ALA B 49 19.13 19.32 0.39
CA ALA B 49 18.15 19.94 -0.49
C ALA B 49 16.76 19.38 -0.21
N ASP B 50 16.67 18.06 -0.05
CA ASP B 50 15.42 17.39 0.31
C ASP B 50 14.86 17.93 1.63
N ARG B 51 15.74 18.04 2.64
CA ARG B 51 15.30 18.49 3.96
CA ARG B 51 15.31 18.50 3.96
C ARG B 51 14.70 19.90 3.87
N ASP B 52 15.38 20.79 3.16
CA ASP B 52 14.92 22.19 3.02
C ASP B 52 13.59 22.26 2.28
N ASN B 53 13.50 21.49 1.20
CA ASN B 53 12.31 21.42 0.38
C ASN B 53 11.10 20.97 1.23
N LEU B 54 11.29 19.89 1.96
CA LEU B 54 10.21 19.36 2.78
C LEU B 54 9.81 20.32 3.89
N THR B 55 10.80 20.96 4.49
CA THR B 55 10.53 21.89 5.59
C THR B 55 9.61 23.01 5.07
N ARG B 56 9.92 23.55 3.90
CA ARG B 56 9.10 24.62 3.34
C ARG B 56 7.68 24.16 3.06
N ARG B 57 7.57 23.02 2.39
CA ARG B 57 6.27 22.52 2.00
C ARG B 57 5.40 22.23 3.21
N PHE B 58 5.95 21.54 4.19
CA PHE B 58 5.11 21.14 5.30
C PHE B 58 4.83 22.33 6.21
N SER B 59 5.77 23.26 6.35
CA SER B 59 5.42 24.41 7.17
C SER B 59 4.35 25.29 6.46
N ASP B 60 4.38 25.34 5.14
CA ASP B 60 3.33 26.07 4.39
C ASP B 60 1.95 25.43 4.58
N LEU B 61 1.93 24.14 4.89
CA LEU B 61 0.68 23.43 5.15
C LEU B 61 0.29 23.54 6.62
N GLY B 62 1.05 24.29 7.43
CA GLY B 62 0.68 24.52 8.81
C GLY B 62 1.38 23.67 9.85
N PHE B 63 2.24 22.75 9.42
CA PHE B 63 2.96 21.89 10.37
C PHE B 63 4.04 22.64 11.12
N GLU B 64 4.26 22.22 12.36
CA GLU B 64 5.42 22.63 13.14
C GLU B 64 6.56 21.69 12.75
N VAL B 65 7.50 22.14 11.92
CA VAL B 65 8.49 21.20 11.39
C VAL B 65 9.70 21.18 12.30
N LYS B 66 10.17 19.99 12.68
CA LYS B 66 11.35 19.85 13.53
C LYS B 66 12.35 18.96 12.79
N CYS B 67 13.56 19.46 12.49
CA CYS B 67 14.50 18.60 11.76
C CYS B 67 15.69 18.22 12.65
N PHE B 68 16.23 17.04 12.37
CA PHE B 68 17.30 16.49 13.16
C PHE B 68 18.29 15.87 12.20
N ASN B 69 19.53 16.36 12.23
CA ASN B 69 20.56 15.87 11.30
C ASN B 69 21.51 14.85 11.94
N ASP B 70 21.61 13.67 11.32
CA ASP B 70 22.62 12.64 11.68
C ASP B 70 22.57 12.20 13.14
N LEU B 71 21.36 12.06 13.68
CA LEU B 71 21.28 11.55 15.04
C LEU B 71 21.78 10.09 15.12
N LYS B 72 22.45 9.76 16.21
CA LYS B 72 22.70 8.37 16.55
C LYS B 72 21.37 7.67 16.85
N ALA B 73 21.35 6.35 16.75
CA ALA B 73 20.08 5.62 16.95
C ALA B 73 19.47 5.91 18.34
N GLU B 74 20.28 5.88 19.40
CA GLU B 74 19.76 6.14 20.74
C GLU B 74 19.15 7.55 20.81
N GLU B 75 19.81 8.53 20.20
CA GLU B 75 19.33 9.93 20.19
C GLU B 75 18.00 10.02 19.44
N LEU B 76 17.91 9.31 18.32
CA LEU B 76 16.76 9.36 17.45
C LEU B 76 15.56 8.70 18.15
N LEU B 77 15.80 7.53 18.73
CA LEU B 77 14.74 6.87 19.53
C LEU B 77 14.25 7.74 20.69
N LEU B 78 15.18 8.36 21.44
CA LEU B 78 14.77 9.25 22.53
C LEU B 78 13.87 10.38 21.99
N LYS B 79 14.26 10.95 20.88
CA LYS B 79 13.53 12.08 20.32
C LYS B 79 12.13 11.65 19.84
N ILE B 80 12.06 10.54 19.13
CA ILE B 80 10.74 10.19 18.61
C ILE B 80 9.86 9.69 19.77
N HIS B 81 10.46 9.06 20.77
CA HIS B 81 9.69 8.68 21.96
C HIS B 81 9.14 9.93 22.69
N GLU B 82 9.98 10.96 22.82
CA GLU B 82 9.56 12.20 23.44
C GLU B 82 8.35 12.78 22.71
N VAL B 83 8.38 12.76 21.37
CA VAL B 83 7.29 13.32 20.58
C VAL B 83 6.04 12.44 20.73
N SER B 84 6.21 11.13 20.81
CA SER B 84 5.05 10.27 20.92
C SER B 84 4.36 10.37 22.29
N THR B 85 5.04 10.93 23.28
CA THR B 85 4.46 10.96 24.62
C THR B 85 3.93 12.34 25.03
N VAL B 86 4.10 13.36 24.20
CA VAL B 86 3.47 14.63 24.52
C VAL B 86 2.04 14.58 24.00
N SER B 87 1.18 15.49 24.45
CA SER B 87 -0.19 15.48 23.98
C SER B 87 -0.30 16.02 22.55
N HIS B 88 -1.01 15.29 21.71
CA HIS B 88 -1.39 15.74 20.38
C HIS B 88 -2.88 16.11 20.31
N ALA B 89 -3.48 16.30 21.48
CA ALA B 89 -4.92 16.55 21.60
C ALA B 89 -5.39 17.71 20.73
N ASP B 90 -4.56 18.75 20.66
CA ASP B 90 -4.88 19.95 19.90
C ASP B 90 -4.41 19.92 18.45
N ALA B 91 -4.03 18.75 17.94
CA ALA B 91 -3.44 18.66 16.61
C ALA B 91 -4.33 17.86 15.66
N ASP B 92 -4.23 18.16 14.37
CA ASP B 92 -4.95 17.41 13.34
C ASP B 92 -4.31 16.04 13.07
N CYS B 93 -2.99 16.00 13.07
CA CYS B 93 -2.34 14.80 12.55
C CYS B 93 -0.89 14.82 12.92
N PHE B 94 -0.14 13.83 12.41
CA PHE B 94 1.29 13.68 12.70
C PHE B 94 2.02 13.20 11.46
N VAL B 95 3.17 13.82 11.16
CA VAL B 95 3.97 13.44 10.00
C VAL B 95 5.42 13.13 10.46
N CYS B 96 6.00 12.06 9.93
CA CYS B 96 7.38 11.72 10.25
C CYS B 96 8.09 11.36 8.95
N VAL B 97 9.22 12.01 8.67
CA VAL B 97 9.96 11.77 7.43
C VAL B 97 11.35 11.19 7.76
N PHE B 98 11.74 10.13 7.06
CA PHE B 98 13.09 9.61 7.18
C PHE B 98 13.83 9.71 5.86
N LEU B 99 14.99 10.36 5.90
CA LEU B 99 15.85 10.51 4.74
C LEU B 99 17.16 9.81 5.07
N SER B 100 17.38 8.62 4.52
CA SER B 100 18.55 7.84 4.89
C SER B 100 18.77 6.70 3.92
N HIS B 101 19.62 5.75 4.31
CA HIS B 101 19.66 4.43 3.66
C HIS B 101 18.86 3.46 4.49
N GLY B 102 18.52 2.31 3.91
CA GLY B 102 17.76 1.32 4.66
C GLY B 102 17.95 -0.09 4.11
N GLU B 103 17.42 -1.09 4.82
CA GLU B 103 17.51 -2.47 4.37
C GLU B 103 16.40 -3.25 5.07
N GLY B 104 15.54 -3.91 4.30
CA GLY B 104 14.48 -4.73 4.88
C GLY B 104 13.53 -3.89 5.71
N ASN B 105 13.34 -4.24 6.96
CA ASN B 105 12.47 -3.38 7.74
CA ASN B 105 12.49 -3.50 7.88
C ASN B 105 13.26 -2.36 8.50
N HIS B 106 14.49 -2.10 8.14
CA HIS B 106 15.33 -1.15 8.87
C HIS B 106 15.69 0.11 8.11
N ILE B 107 15.82 1.20 8.85
CA ILE B 107 16.39 2.45 8.37
C ILE B 107 17.65 2.73 9.19
N TYR B 108 18.66 3.31 8.56
CA TYR B 108 19.88 3.62 9.28
C TYR B 108 19.84 4.99 9.99
N ALA B 109 20.25 5.02 11.26
CA ALA B 109 20.65 6.26 11.89
C ALA B 109 22.14 6.39 11.66
N TYR B 110 22.81 7.27 12.41
CA TYR B 110 24.22 7.52 12.14
C TYR B 110 25.09 6.29 12.39
N ASP B 111 24.74 5.53 13.43
CA ASP B 111 25.64 4.51 13.95
C ASP B 111 25.03 3.09 13.94
N ALA B 112 23.74 2.97 13.64
CA ALA B 112 23.07 1.67 13.72
C ALA B 112 21.72 1.69 13.05
N LYS B 113 21.16 0.50 12.82
CA LYS B 113 19.84 0.34 12.23
C LYS B 113 18.73 0.53 13.27
N ILE B 114 17.57 1.00 12.81
CA ILE B 114 16.35 1.04 13.63
C ILE B 114 15.22 0.36 12.88
N GLU B 115 14.41 -0.43 13.55
CA GLU B 115 13.26 -1.04 12.87
C GLU B 115 12.13 -0.05 12.70
N ILE B 116 11.58 -0.03 11.50
CA ILE B 116 10.47 0.85 11.19
C ILE B 116 9.27 0.54 12.09
N GLN B 117 9.02 -0.73 12.40
CA GLN B 117 7.88 -1.07 13.26
C GLN B 117 8.04 -0.53 14.69
N THR B 118 9.28 -0.34 15.10
CA THR B 118 9.53 0.23 16.42
C THR B 118 9.06 1.70 16.39
N LEU B 119 9.37 2.38 15.28
CA LEU B 119 9.07 3.80 15.17
C LEU B 119 7.57 4.00 15.03
N THR B 120 6.93 3.23 14.14
CA THR B 120 5.48 3.38 14.00
C THR B 120 4.71 2.91 15.24
N GLY B 121 5.18 1.86 15.90
CA GLY B 121 4.50 1.33 17.08
C GLY B 121 4.33 2.37 18.18
N LEU B 122 5.23 3.35 18.23
CA LEU B 122 5.14 4.39 19.25
C LEU B 122 3.89 5.24 19.10
N PHE B 123 3.30 5.21 17.91
CA PHE B 123 2.15 6.08 17.65
C PHE B 123 0.85 5.30 17.49
N LYS B 124 0.89 4.00 17.76
CA LYS B 124 -0.35 3.24 17.77
C LYS B 124 -1.27 3.70 18.91
N GLY B 125 -2.53 3.35 18.77
CA GLY B 125 -3.55 3.81 19.70
C GLY B 125 -3.24 3.58 21.16
N ASP B 126 -2.72 2.41 21.49
CA ASP B 126 -2.52 2.09 22.90
C ASP B 126 -1.33 2.84 23.51
N LYS B 127 -0.45 3.34 22.67
CA LYS B 127 0.72 4.08 23.12
C LYS B 127 0.60 5.60 22.98
N CYS B 128 -0.24 6.05 22.05
CA CYS B 128 -0.41 7.48 21.81
C CYS B 128 -1.89 7.82 21.70
N HIS B 129 -2.56 7.90 22.85
CA HIS B 129 -4.02 8.12 22.89
C HIS B 129 -4.46 9.33 22.09
N SER B 130 -3.71 10.41 22.15
CA SER B 130 -4.18 11.67 21.56
C SER B 130 -4.05 11.71 20.04
N LEU B 131 -3.51 10.64 19.44
CA LEU B 131 -3.47 10.54 17.99
C LEU B 131 -4.48 9.48 17.48
N VAL B 132 -5.23 8.86 18.39
CA VAL B 132 -6.20 7.83 17.94
C VAL B 132 -7.21 8.44 16.99
N GLY B 133 -7.41 7.79 15.86
CA GLY B 133 -8.37 8.25 14.86
C GLY B 133 -7.84 9.39 14.01
N LYS B 134 -6.58 9.78 14.20
CA LYS B 134 -5.99 10.84 13.41
C LYS B 134 -4.92 10.31 12.46
N PRO B 135 -4.73 10.97 11.30
CA PRO B 135 -3.73 10.46 10.34
C PRO B 135 -2.33 10.49 10.91
N LYS B 136 -1.59 9.41 10.67
CA LYS B 136 -0.21 9.28 11.10
C LYS B 136 0.57 8.89 9.87
N ILE B 137 1.36 9.83 9.36
CA ILE B 137 1.87 9.76 8.00
C ILE B 137 3.39 9.63 8.04
N PHE B 138 3.93 8.51 7.51
CA PHE B 138 5.38 8.30 7.49
C PHE B 138 5.84 8.35 6.05
N ILE B 139 6.86 9.14 5.79
CA ILE B 139 7.39 9.28 4.44
C ILE B 139 8.86 8.81 4.47
N ILE B 140 9.16 7.77 3.68
CA ILE B 140 10.45 7.10 3.79
C ILE B 140 11.18 7.19 2.44
N GLN B 141 12.27 7.93 2.46
CA GLN B 141 13.23 7.97 1.34
C GLN B 141 14.46 7.21 1.82
N ALA B 142 14.49 5.91 1.51
CA ALA B 142 15.58 5.04 2.01
C ALA B 142 15.70 3.84 1.10
N ALA B 143 16.93 3.58 0.64
CA ALA B 143 17.19 2.42 -0.23
C ALA B 143 18.59 1.90 0.04
N ARG B 144 19.16 1.12 -0.88
CA ARG B 144 20.39 0.44 -0.53
C ARG B 144 21.60 1.31 -0.86
N GLY B 145 22.37 1.65 0.16
CA GLY B 145 23.61 2.37 -0.05
C GLY B 145 24.62 1.53 -0.82
N ASN B 146 25.14 2.13 -1.90
CA ASN B 146 26.22 1.56 -2.73
C ASN B 146 27.27 0.78 -1.97
N THR B 167 28.35 20.54 -9.10
CA THR B 167 28.00 19.66 -10.22
C THR B 167 26.98 18.58 -9.82
N ASN B 168 25.91 18.51 -10.59
CA ASN B 168 24.75 17.70 -10.28
C ASN B 168 24.89 16.27 -10.84
N ILE B 169 25.22 15.32 -9.97
CA ILE B 169 25.36 13.91 -10.33
C ILE B 169 24.12 13.16 -9.84
N THR B 170 23.65 12.15 -10.59
CA THR B 170 22.51 11.34 -10.13
C THR B 170 22.98 9.97 -9.64
N GLU B 171 22.78 9.73 -8.36
CA GLU B 171 23.12 8.45 -7.71
C GLU B 171 21.92 7.53 -7.79
N VAL B 172 22.17 6.25 -8.03
CA VAL B 172 21.08 5.29 -8.21
C VAL B 172 21.23 4.08 -7.28
N ASP B 173 20.25 3.89 -6.40
CA ASP B 173 20.29 2.87 -5.33
C ASP B 173 19.19 1.85 -5.55
N ALA B 174 19.49 0.57 -5.43
CA ALA B 174 18.41 -0.42 -5.55
C ALA B 174 17.41 -0.33 -4.39
N ALA B 175 16.12 -0.57 -4.68
CA ALA B 175 15.11 -0.69 -3.62
C ALA B 175 15.50 -1.78 -2.61
N SER B 176 15.37 -1.47 -1.33
CA SER B 176 15.75 -2.44 -0.29
C SER B 176 14.80 -2.45 0.91
N VAL B 177 14.11 -1.34 1.13
CA VAL B 177 13.23 -1.19 2.30
C VAL B 177 11.83 -1.69 1.97
N TYR B 178 11.37 -2.61 2.80
CA TYR B 178 10.04 -3.23 2.62
C TYR B 178 8.94 -2.18 2.66
N THR B 179 7.92 -2.32 1.80
CA THR B 179 6.82 -1.36 1.83
C THR B 179 5.84 -1.77 2.93
N LEU B 180 6.24 -1.52 4.17
CA LEU B 180 5.55 -2.00 5.36
C LEU B 180 4.25 -1.25 5.59
N PRO B 181 3.21 -1.95 6.07
CA PRO B 181 1.96 -1.31 6.53
C PRO B 181 2.15 -0.88 7.99
N ALA B 182 1.07 -0.50 8.66
CA ALA B 182 1.10 -0.13 10.08
C ALA B 182 -0.36 -0.23 10.60
N GLY B 183 -0.74 0.57 11.59
CA GLY B 183 -2.06 0.48 12.19
C GLY B 183 -3.14 1.25 11.45
N ALA B 184 -4.37 1.26 11.96
CA ALA B 184 -5.42 2.10 11.35
C ALA B 184 -4.99 3.54 11.35
N ASP B 185 -5.38 4.25 10.30
CA ASP B 185 -5.10 5.68 10.16
C ASP B 185 -3.63 5.99 9.99
N PHE B 186 -2.80 4.97 9.73
CA PHE B 186 -1.45 5.23 9.24
C PHE B 186 -1.44 5.31 7.70
N LEU B 187 -0.51 6.09 7.16
CA LEU B 187 -0.26 6.14 5.74
C LEU B 187 1.25 6.04 5.57
N MET B 188 1.74 5.00 4.90
CA MET B 188 3.20 4.77 4.79
C MET B 188 3.61 5.02 3.35
N CYS B 189 4.49 5.99 3.11
CA CYS B 189 4.76 6.46 1.75
C CYS B 189 6.20 6.12 1.44
N TYR B 190 6.43 5.39 0.35
CA TYR B 190 7.79 4.91 0.03
C TYR B 190 8.29 5.47 -1.27
N SER B 191 9.57 5.85 -1.29
CA SER B 191 10.19 6.40 -2.49
C SER B 191 10.27 5.41 -3.64
N VAL B 192 10.29 4.11 -3.34
CA VAL B 192 10.54 3.12 -4.39
C VAL B 192 10.04 1.74 -3.98
N ALA B 193 9.51 1.00 -4.96
CA ALA B 193 9.03 -0.38 -4.75
C ALA B 193 10.09 -1.42 -5.09
N GLU B 194 9.89 -2.64 -4.60
CA GLU B 194 10.75 -3.76 -4.92
C GLU B 194 10.98 -3.90 -6.41
N GLY B 195 12.24 -4.07 -6.78
CA GLY B 195 12.63 -4.33 -8.15
C GLY B 195 12.90 -3.05 -8.95
N TYR B 196 12.80 -1.89 -8.31
CA TYR B 196 13.02 -0.63 -8.99
C TYR B 196 14.17 0.08 -8.29
N TYR B 197 14.45 1.33 -8.67
CA TYR B 197 15.65 2.00 -8.16
C TYR B 197 15.34 3.40 -7.72
N SER B 198 15.97 3.83 -6.63
CA SER B 198 15.80 5.21 -6.17
C SER B 198 16.89 6.13 -6.68
N HIS B 199 16.53 7.36 -7.02
CA HIS B 199 17.48 8.29 -7.62
C HIS B 199 17.63 9.50 -6.77
N ARG B 200 18.86 9.99 -6.66
CA ARG B 200 19.15 11.24 -5.95
C ARG B 200 20.17 12.08 -6.66
N GLU B 201 19.78 13.32 -6.96
CA GLU B 201 20.65 14.29 -7.61
C GLU B 201 21.42 15.05 -6.52
N THR B 202 22.73 15.14 -6.67
CA THR B 202 23.56 15.74 -5.61
C THR B 202 23.26 17.22 -5.36
N VAL B 203 22.78 17.95 -6.38
CA VAL B 203 22.36 19.34 -6.16
C VAL B 203 20.84 19.47 -5.95
N ASN B 204 20.04 18.82 -6.79
CA ASN B 204 18.59 19.07 -6.76
C ASN B 204 17.83 18.23 -5.73
N GLY B 205 18.42 17.14 -5.24
CA GLY B 205 17.77 16.29 -4.27
C GLY B 205 17.21 15.02 -4.91
N SER B 206 16.48 14.23 -4.13
CA SER B 206 15.92 12.94 -4.57
C SER B 206 14.76 13.15 -5.56
N TRP B 207 14.67 12.29 -6.58
CA TRP B 207 13.55 12.35 -7.52
C TRP B 207 12.23 12.32 -6.78
N TYR B 208 12.09 11.41 -5.83
CA TYR B 208 10.81 11.22 -5.14
C TYR B 208 10.46 12.45 -4.29
N ILE B 209 11.43 12.95 -3.54
CA ILE B 209 11.16 14.12 -2.71
C ILE B 209 10.91 15.37 -3.55
N GLN B 210 11.65 15.54 -4.65
CA GLN B 210 11.42 16.68 -5.52
C GLN B 210 9.98 16.69 -6.02
N ASP B 211 9.54 15.54 -6.51
CA ASP B 211 8.20 15.47 -7.10
C ASP B 211 7.13 15.59 -6.03
N LEU B 212 7.36 14.98 -4.87
CA LEU B 212 6.43 15.10 -3.75
C LEU B 212 6.32 16.57 -3.36
N CYS B 213 7.46 17.26 -3.25
CA CYS B 213 7.39 18.66 -2.84
C CYS B 213 6.74 19.55 -3.89
N GLU B 214 7.02 19.27 -5.17
CA GLU B 214 6.37 20.02 -6.23
C GLU B 214 4.87 19.91 -6.11
N MET B 215 4.40 18.69 -5.90
CA MET B 215 2.96 18.45 -5.80
C MET B 215 2.37 19.06 -4.51
N LEU B 216 3.10 19.00 -3.40
CA LEU B 216 2.64 19.66 -2.17
C LEU B 216 2.48 21.17 -2.39
N GLY B 217 3.47 21.80 -3.02
CA GLY B 217 3.43 23.22 -3.26
C GLY B 217 2.25 23.65 -4.12
N LYS B 218 1.95 22.87 -5.15
CA LYS B 218 0.90 23.24 -6.08
C LYS B 218 -0.49 22.85 -5.58
N TYR B 219 -0.59 21.67 -4.97
CA TYR B 219 -1.88 21.02 -4.75
C TYR B 219 -2.10 20.57 -3.31
N GLY B 220 -1.09 20.73 -2.46
CA GLY B 220 -1.17 20.25 -1.09
C GLY B 220 -2.36 20.77 -0.31
N SER B 221 -2.73 22.02 -0.57
CA SER B 221 -3.77 22.66 0.19
C SER B 221 -5.17 22.47 -0.41
N SER B 222 -5.29 21.63 -1.43
CA SER B 222 -6.61 21.43 -2.02
C SER B 222 -6.93 19.96 -2.28
N LEU B 223 -5.95 19.21 -2.76
CA LEU B 223 -6.18 17.85 -3.18
C LEU B 223 -6.23 16.88 -2.02
N GLU B 224 -7.01 15.81 -2.17
CA GLU B 224 -6.98 14.75 -1.16
C GLU B 224 -5.59 14.14 -1.18
N PHE B 225 -5.04 13.84 0.00
CA PHE B 225 -3.61 13.55 0.05
C PHE B 225 -3.20 12.28 -0.70
N THR B 226 -4.02 11.23 -0.69
CA THR B 226 -3.64 10.03 -1.46
C THR B 226 -3.77 10.29 -2.95
N GLU B 227 -4.69 11.16 -3.33
CA GLU B 227 -4.78 11.60 -4.73
C GLU B 227 -3.48 12.30 -5.12
N LEU B 228 -2.98 13.12 -4.20
CA LEU B 228 -1.72 13.83 -4.42
C LEU B 228 -0.57 12.83 -4.52
N LEU B 229 -0.53 11.83 -3.64
CA LEU B 229 0.56 10.84 -3.72
C LEU B 229 0.48 10.06 -5.03
N THR B 230 -0.73 9.93 -5.58
CA THR B 230 -0.91 9.25 -6.86
C THR B 230 -0.28 10.06 -7.99
N LEU B 231 -0.41 11.39 -7.92
CA LEU B 231 0.29 12.26 -8.88
C LEU B 231 1.81 12.09 -8.77
N VAL B 232 2.29 11.93 -7.53
CA VAL B 232 3.72 11.74 -7.32
C VAL B 232 4.13 10.40 -7.97
N ASN B 233 3.31 9.36 -7.78
CA ASN B 233 3.59 8.11 -8.47
C ASN B 233 3.75 8.35 -9.97
N ARG B 234 2.83 9.14 -10.57
CA ARG B 234 2.90 9.39 -12.00
C ARG B 234 4.18 10.16 -12.38
N LYS B 235 4.44 11.24 -11.67
CA LYS B 235 5.62 12.07 -11.96
C LYS B 235 6.91 11.25 -11.89
N VAL B 236 7.09 10.50 -10.79
CA VAL B 236 8.36 9.81 -10.63
C VAL B 236 8.49 8.70 -11.66
N SER B 237 7.41 7.93 -11.89
CA SER B 237 7.52 6.77 -12.77
C SER B 237 7.65 7.17 -14.23
N GLN B 238 7.28 8.43 -14.55
CA GLN B 238 7.45 8.95 -15.89
C GLN B 238 8.83 9.55 -16.17
N ARG B 239 9.68 9.64 -15.16
CA ARG B 239 11.03 10.17 -15.40
C ARG B 239 11.81 9.15 -16.23
N ARG B 240 12.32 9.61 -17.37
CA ARG B 240 12.93 8.72 -18.35
C ARG B 240 14.31 8.26 -17.89
N VAL B 241 14.65 7.00 -18.17
CA VAL B 241 15.97 6.50 -17.83
C VAL B 241 16.64 5.86 -19.05
N ASP B 242 16.32 6.34 -20.24
CA ASP B 242 16.95 5.74 -21.40
C ASP B 242 18.27 6.42 -21.79
N PHE B 243 18.54 7.61 -21.27
CA PHE B 243 19.77 8.32 -21.68
C PHE B 243 20.52 9.01 -20.54
N CYS B 244 20.86 8.26 -19.50
CA CYS B 244 21.49 8.85 -18.32
C CYS B 244 22.93 9.27 -18.57
N LYS B 245 23.38 10.33 -17.89
CA LYS B 245 24.77 10.80 -18.02
C LYS B 245 25.74 9.67 -17.70
N ASP B 246 25.36 8.86 -16.72
CA ASP B 246 26.08 7.65 -16.36
C ASP B 246 25.43 6.45 -17.07
N PRO B 247 26.11 5.89 -18.06
CA PRO B 247 25.50 4.81 -18.86
C PRO B 247 25.08 3.61 -18.02
N SER B 248 25.74 3.38 -16.89
CA SER B 248 25.38 2.27 -15.99
C SER B 248 23.97 2.36 -15.41
N ALA B 249 23.40 3.55 -15.41
CA ALA B 249 22.09 3.77 -14.81
C ALA B 249 20.95 3.58 -15.81
N ILE B 250 21.28 3.32 -17.08
CA ILE B 250 20.24 3.24 -18.11
C ILE B 250 19.27 2.11 -17.79
N GLY B 251 17.98 2.38 -17.90
CA GLY B 251 16.96 1.37 -17.65
C GLY B 251 16.50 1.19 -16.21
N LYS B 252 17.13 1.88 -15.28
CA LYS B 252 16.85 1.71 -13.87
C LYS B 252 15.72 2.64 -13.43
N LYS B 253 14.50 2.25 -13.80
CA LYS B 253 13.28 3.01 -13.54
C LYS B 253 12.97 3.13 -12.05
N GLN B 254 12.30 4.21 -11.66
CA GLN B 254 11.80 4.38 -10.31
C GLN B 254 10.27 4.38 -10.27
N VAL B 255 9.70 3.52 -9.43
CA VAL B 255 8.25 3.47 -9.15
C VAL B 255 8.03 3.60 -7.65
N PRO B 256 7.47 4.71 -7.17
CA PRO B 256 7.15 4.77 -5.75
C PRO B 256 5.91 4.01 -5.39
N CYS B 257 5.54 4.03 -4.13
N CYS B 257 5.60 3.97 -4.10
CA CYS B 257 4.26 3.47 -3.75
CA CYS B 257 4.44 3.24 -3.58
C CYS B 257 3.89 3.88 -2.35
C CYS B 257 3.88 4.05 -2.39
N PHE B 258 2.60 3.88 -2.07
CA PHE B 258 2.15 4.17 -0.72
C PHE B 258 1.25 3.04 -0.26
N ALA B 259 1.33 2.75 1.03
CA ALA B 259 0.48 1.75 1.68
C ALA B 259 -0.47 2.47 2.62
N SER B 260 -1.75 2.46 2.26
CA SER B 260 -2.73 3.19 3.07
C SER B 260 -3.52 2.30 3.98
N MET B 261 -3.47 2.65 5.27
CA MET B 261 -4.42 2.15 6.27
C MET B 261 -5.38 3.26 6.73
N LEU B 262 -5.48 4.34 5.95
CA LEU B 262 -6.41 5.42 6.29
C LEU B 262 -7.84 4.93 6.20
N THR B 263 -8.71 5.59 6.96
CA THR B 263 -10.11 5.20 7.05
C THR B 263 -11.05 6.30 6.56
N LYS B 264 -10.48 7.47 6.22
CA LYS B 264 -11.27 8.62 5.79
C LYS B 264 -10.50 9.40 4.74
N LYS B 265 -11.18 10.32 4.06
CA LYS B 265 -10.48 11.26 3.17
C LYS B 265 -9.63 12.28 3.95
N LEU B 266 -8.46 12.59 3.44
CA LEU B 266 -7.54 13.49 4.12
C LEU B 266 -7.23 14.71 3.26
N HIS B 267 -7.58 15.89 3.77
CA HIS B 267 -7.21 17.16 3.13
C HIS B 267 -6.40 18.04 4.06
N PHE B 268 -5.58 18.92 3.50
CA PHE B 268 -4.86 19.95 4.26
C PHE B 268 -5.29 21.35 3.81
N PHE B 269 -6.58 21.63 3.94
CA PHE B 269 -7.12 22.95 3.61
C PHE B 269 -6.47 23.96 4.54
N PRO B 270 -6.24 25.19 4.06
CA PRO B 270 -5.65 26.21 4.93
C PRO B 270 -6.41 26.38 6.23
N LYS B 271 -5.71 26.44 7.36
CA LYS B 271 -6.39 26.61 8.65
C LYS B 271 -6.70 28.07 8.98
#